data_8SU8
#
_entry.id   8SU8
#
_cell.length_a   57.500
_cell.length_b   77.536
_cell.length_c   58.431
_cell.angle_alpha   90.000
_cell.angle_beta   91.598
_cell.angle_gamma   90.000
#
_symmetry.space_group_name_H-M   'P 1 21 1'
#
loop_
_entity.id
_entity.type
_entity.pdbx_description
1 polymer 'Krev interaction trapped protein 1'
2 polymer 'Ras-related protein Rap-1b'
3 non-polymer (6P)-6-(furan-2-yl)-2-hydroxynaphthalene-1-carbaldehyde
4 non-polymer 'MAGNESIUM ION'
5 non-polymer 'PHOSPHOAMINOPHOSPHONIC ACID-GUANYLATE ESTER'
6 water water
#
loop_
_entity_poly.entity_id
_entity_poly.type
_entity_poly.pdbx_seq_one_letter_code
_entity_poly.pdbx_strand_id
1 'polypeptide(L)'
;YEKVRIYRMDGSYRSVELKHGNNTTVQQIMEGMRLSQETQQYFTIWICSENLSLQLKPYHKPLQHVRDWPEILAELTNLD
PQRETPQLFLRRDVRLPLEVEKQIEDPLAILILFDEARYNLLKGFYTAPDAKLITLASLLLQIVYGNYESKKHKQGFLNE
ENLKSIVPVTKLKSKAPHWTNRILHEYKNLSTSEGVSKEMHHLQRMFLQNCWEIPTYGAAFFTGQIFTKASPSNHKVIPV
YVGVNIKGLHLLNMETKALLISLKYGCFMWQLGDTDTCFQIHSMENKMSFIVHTKQAGLVVKLLMKLNGQLMPTERNS
;
A
2 'polypeptide(L)'
;MREYKLVVLGSGGVGKSALTVQFVQGIFVEKYDPTIEDSYRKQVEVDAQQCMLEILDTAGTQQFTAMRDLYMKNGQGFAL
VYSITAQSTFNDLQDLREQILRVKDTDDVPMILVGNKCDLEDERVVGKEQGQNLARQWNNCAFLESSAKSKINVNEIFYD
LVRQINR
;
B
#
# COMPACT_ATOMS: atom_id res chain seq x y z
N TYR A 1 26.81 0.35 4.63
CA TYR A 1 26.19 0.76 3.39
C TYR A 1 25.00 1.70 3.64
N GLU A 2 24.60 2.42 2.60
CA GLU A 2 23.47 3.33 2.68
C GLU A 2 22.19 2.62 2.27
N LYS A 3 21.08 3.00 2.90
CA LYS A 3 19.79 2.42 2.56
C LYS A 3 18.71 3.47 2.71
N VAL A 4 17.59 3.24 2.01
CA VAL A 4 16.43 4.12 2.08
C VAL A 4 15.18 3.25 2.14
N ARG A 5 14.15 3.75 2.81
CA ARG A 5 12.85 3.11 2.83
C ARG A 5 11.99 3.65 1.69
N ILE A 6 11.48 2.74 0.86
CA ILE A 6 10.55 3.09 -0.21
C ILE A 6 9.17 2.65 0.25
N TYR A 7 8.30 3.61 0.54
CA TYR A 7 6.99 3.33 1.09
C TYR A 7 5.97 3.06 -0.02
N ARG A 8 4.84 2.50 0.37
CA ARG A 8 3.64 2.43 -0.44
C ARG A 8 2.50 3.06 0.35
N MET A 9 1.36 3.27 -0.33
CA MET A 9 0.30 4.08 0.25
C MET A 9 -0.36 3.43 1.46
N ASP A 10 -0.18 2.13 1.67
CA ASP A 10 -0.80 1.45 2.80
C ASP A 10 0.05 1.50 4.07
N GLY A 11 1.17 2.23 4.04
CA GLY A 11 2.03 2.35 5.19
C GLY A 11 3.20 1.38 5.18
N SER A 12 3.15 0.34 4.35
CA SER A 12 4.25 -0.59 4.23
C SER A 12 5.45 0.06 3.54
N TYR A 13 6.60 -0.57 3.68
CA TYR A 13 7.80 -0.07 3.01
C TYR A 13 8.75 -1.22 2.71
N ARG A 14 9.69 -0.94 1.81
CA ARG A 14 10.76 -1.86 1.48
C ARG A 14 12.08 -1.10 1.49
N SER A 15 13.06 -1.61 2.24
CA SER A 15 14.37 -0.99 2.30
C SER A 15 15.21 -1.40 1.10
N VAL A 16 15.91 -0.42 0.52
CA VAL A 16 16.71 -0.62 -0.67
C VAL A 16 18.10 -0.04 -0.43
N GLU A 17 19.13 -0.77 -0.84
CA GLU A 17 20.49 -0.29 -0.68
C GLU A 17 20.80 0.79 -1.72
N LEU A 18 21.45 1.86 -1.27
CA LEU A 18 21.91 2.93 -2.15
C LEU A 18 23.37 2.68 -2.49
N LYS A 19 23.61 2.07 -3.64
CA LYS A 19 24.97 1.72 -4.04
C LYS A 19 25.85 2.96 -4.20
N HIS A 20 25.27 4.07 -4.63
CA HIS A 20 26.02 5.30 -4.87
C HIS A 20 25.60 6.42 -3.91
N GLY A 21 25.15 6.08 -2.72
CA GLY A 21 24.80 7.08 -1.73
C GLY A 21 23.68 7.97 -2.20
N ASN A 22 23.78 9.26 -1.90
CA ASN A 22 22.77 10.21 -2.34
C ASN A 22 22.84 10.49 -3.84
N ASN A 23 23.85 9.98 -4.54
CA ASN A 23 23.91 10.08 -5.99
C ASN A 23 23.12 8.95 -6.67
N THR A 24 22.58 8.01 -5.91
CA THR A 24 21.78 6.94 -6.49
C THR A 24 20.53 7.52 -7.15
N THR A 25 20.20 6.98 -8.32
CA THR A 25 19.10 7.48 -9.12
C THR A 25 17.83 6.68 -8.86
N VAL A 26 16.71 7.20 -9.36
CA VAL A 26 15.44 6.48 -9.32
C VAL A 26 15.58 5.15 -10.04
N GLN A 27 16.22 5.16 -11.21
CA GLN A 27 16.39 3.93 -11.97
C GLN A 27 17.13 2.86 -11.16
N GLN A 28 18.21 3.26 -10.48
CA GLN A 28 18.96 2.31 -9.67
C GLN A 28 18.15 1.81 -8.48
N ILE A 29 17.31 2.68 -7.90
CA ILE A 29 16.48 2.25 -6.77
C ILE A 29 15.39 1.31 -7.25
N MET A 30 14.79 1.59 -8.42
CA MET A 30 13.77 0.71 -8.97
C MET A 30 14.34 -0.69 -9.20
N GLU A 31 15.62 -0.78 -9.58
CA GLU A 31 16.26 -2.08 -9.73
C GLU A 31 16.43 -2.77 -8.39
N GLY A 32 16.60 -2.01 -7.31
CA GLY A 32 16.76 -2.58 -5.98
C GLY A 32 15.49 -3.16 -5.39
N MET A 33 14.34 -2.89 -5.98
CA MET A 33 13.09 -3.47 -5.51
C MET A 33 12.96 -4.91 -6.00
N ARG A 34 11.95 -5.61 -5.47
CA ARG A 34 11.63 -6.96 -5.91
C ARG A 34 10.54 -6.91 -6.98
N LEU A 35 10.90 -6.29 -8.11
CA LEU A 35 9.99 -6.09 -9.22
C LEU A 35 10.63 -6.59 -10.50
N SER A 36 9.92 -7.46 -11.21
CA SER A 36 10.36 -7.86 -12.53
C SER A 36 10.20 -6.69 -13.49
N GLN A 37 10.73 -6.86 -14.71
CA GLN A 37 10.52 -5.85 -15.74
C GLN A 37 9.05 -5.71 -16.11
N GLU A 38 8.23 -6.72 -15.76
CA GLU A 38 6.79 -6.61 -15.97
C GLU A 38 6.15 -5.72 -14.90
N THR A 39 6.48 -5.95 -13.63
CA THR A 39 5.91 -5.13 -12.57
C THR A 39 6.48 -3.72 -12.57
N GLN A 40 7.72 -3.54 -13.03
CA GLN A 40 8.42 -2.28 -12.85
C GLN A 40 7.90 -1.20 -13.80
N GLN A 41 7.45 -1.58 -14.99
CA GLN A 41 7.09 -0.60 -16.02
C GLN A 41 5.87 0.24 -15.64
N TYR A 42 5.05 -0.21 -14.70
CA TYR A 42 3.83 0.51 -14.36
C TYR A 42 4.01 1.55 -13.27
N PHE A 43 5.15 1.56 -12.57
CA PHE A 43 5.32 2.37 -11.38
C PHE A 43 6.63 3.15 -11.45
N THR A 44 6.79 4.10 -10.53
CA THR A 44 8.02 4.86 -10.40
C THR A 44 8.12 5.40 -8.98
N ILE A 45 9.21 6.09 -8.70
CA ILE A 45 9.47 6.66 -7.39
C ILE A 45 8.88 8.06 -7.33
N TRP A 46 8.04 8.30 -6.33
CA TRP A 46 7.56 9.64 -6.00
C TRP A 46 8.25 10.11 -4.73
N ILE A 47 8.30 11.43 -4.56
CA ILE A 47 8.68 12.04 -3.29
C ILE A 47 7.52 12.89 -2.82
N CYS A 48 7.03 12.61 -1.62
CA CYS A 48 5.85 13.30 -1.11
C CYS A 48 6.03 13.64 0.36
N SER A 49 5.65 14.86 0.72
CA SER A 49 5.42 15.23 2.10
C SER A 49 3.91 15.28 2.32
N GLU A 50 3.48 15.92 3.41
CA GLU A 50 2.05 15.91 3.75
C GLU A 50 1.22 16.67 2.73
N ASN A 51 1.78 17.70 2.10
CA ASN A 51 0.98 18.53 1.20
C ASN A 51 1.68 18.83 -0.12
N LEU A 52 2.61 18.00 -0.56
CA LEU A 52 3.20 18.13 -1.89
C LEU A 52 3.75 16.78 -2.31
N SER A 53 3.27 16.29 -3.45
CA SER A 53 3.70 15.02 -4.03
C SER A 53 4.29 15.29 -5.40
N LEU A 54 5.45 14.70 -5.68
CA LEU A 54 6.14 14.90 -6.95
C LEU A 54 6.62 13.57 -7.49
N GLN A 55 6.22 13.26 -8.72
CA GLN A 55 6.74 12.09 -9.41
C GLN A 55 8.13 12.39 -9.93
N LEU A 56 9.08 11.52 -9.61
CA LEU A 56 10.45 11.70 -10.08
C LEU A 56 10.68 10.90 -11.37
N LYS A 57 11.77 11.24 -12.03
CA LYS A 57 12.25 10.69 -13.28
C LYS A 57 13.39 9.69 -13.03
N PRO A 58 13.59 8.74 -13.94
CA PRO A 58 14.67 7.74 -13.76
C PRO A 58 16.04 8.35 -13.48
N TYR A 59 16.36 9.50 -14.07
CA TYR A 59 17.66 10.13 -13.86
C TYR A 59 17.71 10.95 -12.58
N HIS A 60 16.59 11.20 -11.93
CA HIS A 60 16.59 12.01 -10.72
C HIS A 60 17.28 11.27 -9.58
N LYS A 61 17.88 12.05 -8.67
CA LYS A 61 18.46 11.54 -7.45
C LYS A 61 17.51 11.85 -6.30
N PRO A 62 16.72 10.89 -5.82
CA PRO A 62 15.67 11.22 -4.85
C PRO A 62 16.20 11.73 -3.51
N LEU A 63 17.39 11.30 -3.10
CA LEU A 63 17.91 11.74 -1.81
C LEU A 63 18.34 13.19 -1.85
N GLN A 64 18.72 13.70 -3.03
CA GLN A 64 19.02 15.12 -3.15
C GLN A 64 17.76 15.96 -3.18
N HIS A 65 16.64 15.40 -3.64
CA HIS A 65 15.36 16.09 -3.52
C HIS A 65 14.92 16.17 -2.06
N VAL A 66 15.15 15.11 -1.30
CA VAL A 66 14.88 15.14 0.14
C VAL A 66 15.72 16.23 0.80
N ARG A 67 17.00 16.32 0.41
CA ARG A 67 17.89 17.33 0.99
C ARG A 67 17.45 18.74 0.62
N ASP A 68 16.99 18.92 -0.61
CA ASP A 68 16.58 20.24 -1.10
C ASP A 68 15.09 20.50 -0.95
N TRP A 69 14.39 19.69 -0.14
CA TRP A 69 12.94 19.83 -0.02
C TRP A 69 12.49 21.20 0.48
N PRO A 70 13.11 21.82 1.50
CA PRO A 70 12.67 23.16 1.89
C PRO A 70 12.73 24.18 0.76
N GLU A 71 13.69 24.05 -0.15
CA GLU A 71 13.75 24.94 -1.31
C GLU A 71 12.74 24.54 -2.38
N ILE A 72 12.45 23.24 -2.51
CA ILE A 72 11.41 22.81 -3.43
C ILE A 72 10.05 23.26 -2.94
N LEU A 73 9.81 23.20 -1.63
CA LEU A 73 8.57 23.70 -1.07
C LEU A 73 8.40 25.18 -1.33
N ALA A 74 9.47 25.96 -1.14
CA ALA A 74 9.40 27.40 -1.34
C ALA A 74 9.24 27.77 -2.82
N GLU A 75 9.65 26.89 -3.73
CA GLU A 75 9.52 27.19 -5.15
C GLU A 75 8.13 26.86 -5.67
N LEU A 76 7.52 25.79 -5.16
CA LEU A 76 6.26 25.30 -5.70
C LEU A 76 5.05 25.56 -4.81
N THR A 77 5.25 25.88 -3.53
CA THR A 77 4.13 26.05 -2.61
C THR A 77 4.38 27.29 -1.74
N ASN A 78 3.41 27.58 -0.88
CA ASN A 78 3.51 28.62 0.13
C ASN A 78 3.42 28.03 1.53
N LEU A 79 3.80 26.77 1.67
CA LEU A 79 3.76 26.08 2.96
C LEU A 79 5.00 26.41 3.78
N ASP A 80 4.88 26.25 5.09
CA ASP A 80 6.06 26.31 5.94
C ASP A 80 6.75 24.95 5.95
N PRO A 81 8.06 24.89 5.71
CA PRO A 81 8.73 23.60 5.54
C PRO A 81 8.96 22.82 6.82
N GLN A 82 8.63 23.37 7.98
CA GLN A 82 8.95 22.72 9.24
C GLN A 82 7.97 21.61 9.60
N ARG A 83 6.80 21.57 8.97
CA ARG A 83 5.84 20.50 9.18
C ARG A 83 5.81 19.51 8.02
N GLU A 84 6.76 19.60 7.10
CA GLU A 84 6.79 18.77 5.90
C GLU A 84 8.15 18.05 5.83
N THR A 85 8.18 16.80 6.29
CA THR A 85 9.32 15.94 6.03
C THR A 85 8.93 14.96 4.93
N PRO A 86 9.68 14.91 3.83
CA PRO A 86 9.28 14.05 2.72
C PRO A 86 9.75 12.62 2.89
N GLN A 87 9.01 11.70 2.27
CA GLN A 87 9.40 10.31 2.15
C GLN A 87 9.32 9.91 0.68
N LEU A 88 9.95 8.79 0.36
CA LEU A 88 9.96 8.24 -1.00
C LEU A 88 8.91 7.14 -1.11
N PHE A 89 8.13 7.17 -2.19
CA PHE A 89 7.06 6.22 -2.38
C PHE A 89 7.19 5.54 -3.74
N LEU A 90 6.64 4.33 -3.83
CA LEU A 90 6.46 3.64 -5.09
C LEU A 90 4.99 3.77 -5.47
N ARG A 91 4.73 4.47 -6.58
CA ARG A 91 3.36 4.79 -6.97
C ARG A 91 3.18 4.58 -8.46
N ARG A 92 1.92 4.56 -8.87
CA ARG A 92 1.58 4.45 -10.29
C ARG A 92 2.21 5.59 -11.09
N ASP A 93 2.75 5.25 -12.25
CA ASP A 93 3.27 6.26 -13.16
C ASP A 93 2.11 7.05 -13.74
N VAL A 94 2.13 8.37 -13.53
CA VAL A 94 1.02 9.22 -13.99
C VAL A 94 0.85 9.16 -15.50
N ARG A 95 1.90 8.80 -16.24
CA ARG A 95 1.85 8.68 -17.69
C ARG A 95 1.34 7.33 -18.17
N LEU A 96 1.13 6.38 -17.27
CA LEU A 96 0.72 5.04 -17.67
C LEU A 96 -0.62 5.10 -18.39
N PRO A 97 -0.68 4.74 -19.67
CA PRO A 97 -1.95 4.79 -20.40
C PRO A 97 -2.95 3.82 -19.79
N LEU A 98 -4.21 4.25 -19.73
CA LEU A 98 -5.26 3.38 -19.22
C LEU A 98 -5.34 2.10 -20.03
N GLU A 99 -5.13 2.18 -21.34
CA GLU A 99 -5.16 0.99 -22.18
CA GLU A 99 -5.16 0.99 -22.18
C GLU A 99 -4.10 -0.03 -21.75
N VAL A 100 -2.96 0.44 -21.25
CA VAL A 100 -1.93 -0.48 -20.80
C VAL A 100 -2.30 -1.08 -19.45
N GLU A 101 -2.88 -0.28 -18.56
CA GLU A 101 -3.27 -0.79 -17.24
C GLU A 101 -4.34 -1.86 -17.38
N LYS A 102 -5.25 -1.71 -18.35
CA LYS A 102 -6.34 -2.67 -18.51
C LYS A 102 -5.86 -4.04 -18.94
N GLN A 103 -4.62 -4.17 -19.42
CA GLN A 103 -4.09 -5.46 -19.86
C GLN A 103 -3.20 -6.12 -18.82
N ILE A 104 -3.06 -5.52 -17.63
CA ILE A 104 -2.17 -6.06 -16.62
C ILE A 104 -2.76 -7.34 -16.03
N GLU A 105 -1.93 -8.38 -15.92
CA GLU A 105 -2.32 -9.63 -15.28
C GLU A 105 -1.47 -9.97 -14.07
N ASP A 106 -0.38 -9.26 -13.83
CA ASP A 106 0.54 -9.62 -12.76
C ASP A 106 -0.12 -9.37 -11.41
N PRO A 107 -0.13 -10.36 -10.51
CA PRO A 107 -0.79 -10.16 -9.20
C PRO A 107 -0.17 -9.06 -8.37
N LEU A 108 1.16 -8.90 -8.41
CA LEU A 108 1.80 -7.87 -7.60
C LEU A 108 1.47 -6.47 -8.12
N ALA A 109 1.56 -6.28 -9.44
CA ALA A 109 1.22 -4.98 -10.03
C ALA A 109 -0.23 -4.61 -9.71
N ILE A 110 -1.13 -5.60 -9.73
CA ILE A 110 -2.53 -5.35 -9.42
C ILE A 110 -2.69 -4.90 -7.97
N LEU A 111 -2.03 -5.59 -7.04
CA LEU A 111 -2.19 -5.24 -5.64
C LEU A 111 -1.59 -3.87 -5.34
N ILE A 112 -0.49 -3.52 -6.00
CA ILE A 112 0.08 -2.19 -5.80
C ILE A 112 -0.85 -1.12 -6.36
N LEU A 113 -1.39 -1.35 -7.56
CA LEU A 113 -2.37 -0.42 -8.13
C LEU A 113 -3.63 -0.38 -7.28
N PHE A 114 -4.10 -1.53 -6.82
CA PHE A 114 -5.32 -1.57 -6.00
C PHE A 114 -5.14 -0.79 -4.72
N ASP A 115 -3.99 -0.96 -4.05
CA ASP A 115 -3.76 -0.27 -2.78
CA ASP A 115 -3.76 -0.27 -2.78
C ASP A 115 -3.72 1.24 -2.97
N GLU A 116 -3.13 1.70 -4.06
CA GLU A 116 -3.12 3.15 -4.32
C GLU A 116 -4.52 3.65 -4.63
N ALA A 117 -5.28 2.89 -5.43
CA ALA A 117 -6.65 3.27 -5.75
C ALA A 117 -7.51 3.34 -4.50
N ARG A 118 -7.36 2.35 -3.61
CA ARG A 118 -8.14 2.37 -2.36
CA ARG A 118 -8.14 2.37 -2.36
C ARG A 118 -7.78 3.58 -1.52
N TYR A 119 -6.49 3.94 -1.50
CA TYR A 119 -6.08 5.13 -0.75
C TYR A 119 -6.75 6.38 -1.28
N ASN A 120 -6.82 6.52 -2.61
CA ASN A 120 -7.45 7.70 -3.19
C ASN A 120 -8.94 7.71 -2.93
N LEU A 121 -9.58 6.54 -2.95
CA LEU A 121 -11.02 6.46 -2.73
C LEU A 121 -11.38 6.89 -1.31
N LEU A 122 -10.71 6.31 -0.31
CA LEU A 122 -11.07 6.59 1.07
C LEU A 122 -10.80 8.04 1.43
N LYS A 123 -9.84 8.67 0.78
CA LYS A 123 -9.54 10.07 1.07
C LYS A 123 -10.47 11.05 0.36
N GLY A 124 -11.28 10.57 -0.59
CA GLY A 124 -12.26 11.41 -1.24
C GLY A 124 -11.85 11.98 -2.58
N PHE A 125 -10.71 11.55 -3.12
CA PHE A 125 -10.25 12.07 -4.40
C PHE A 125 -10.92 11.43 -5.60
N TYR A 126 -11.77 10.42 -5.38
CA TYR A 126 -12.52 9.76 -6.45
C TYR A 126 -13.97 10.23 -6.34
N THR A 127 -14.38 11.14 -7.23
CA THR A 127 -15.75 11.59 -7.29
C THR A 127 -16.54 10.67 -8.22
N ALA A 128 -17.62 10.10 -7.70
CA ALA A 128 -18.41 9.10 -8.43
C ALA A 128 -19.79 9.05 -7.80
N PRO A 129 -20.79 8.57 -8.53
CA PRO A 129 -22.15 8.50 -7.96
C PRO A 129 -22.22 7.47 -6.85
N ASP A 130 -23.38 7.46 -6.19
CA ASP A 130 -23.57 6.61 -5.02
C ASP A 130 -23.46 5.13 -5.38
N ALA A 131 -24.05 4.73 -6.52
CA ALA A 131 -24.03 3.32 -6.91
C ALA A 131 -22.61 2.82 -7.12
N LYS A 132 -21.76 3.64 -7.75
CA LYS A 132 -20.38 3.24 -7.96
C LYS A 132 -19.62 3.12 -6.64
N LEU A 133 -19.85 4.06 -5.73
CA LEU A 133 -19.17 4.01 -4.43
C LEU A 133 -19.65 2.81 -3.61
N ILE A 134 -20.94 2.49 -3.71
CA ILE A 134 -21.47 1.34 -2.98
C ILE A 134 -20.89 0.04 -3.51
N THR A 135 -20.73 -0.06 -4.83
CA THR A 135 -20.09 -1.25 -5.42
C THR A 135 -18.65 -1.38 -4.95
N LEU A 136 -17.91 -0.27 -4.93
CA LEU A 136 -16.53 -0.31 -4.47
C LEU A 136 -16.45 -0.73 -3.00
N ALA A 137 -17.40 -0.27 -2.19
CA ALA A 137 -17.41 -0.65 -0.78
C ALA A 137 -17.68 -2.14 -0.61
N SER A 138 -18.56 -2.70 -1.45
CA SER A 138 -18.86 -4.12 -1.35
C SER A 138 -17.65 -4.97 -1.72
N LEU A 139 -16.88 -4.53 -2.72
CA LEU A 139 -15.68 -5.26 -3.12
C LEU A 139 -14.61 -5.18 -2.04
N LEU A 140 -14.50 -4.03 -1.37
CA LEU A 140 -13.54 -3.91 -0.27
C LEU A 140 -13.91 -4.84 0.89
N LEU A 141 -15.21 -5.01 1.15
CA LEU A 141 -15.63 -5.92 2.21
C LEU A 141 -15.24 -7.36 1.88
N GLN A 142 -15.44 -7.78 0.63
CA GLN A 142 -15.02 -9.11 0.23
C GLN A 142 -13.50 -9.26 0.32
N ILE A 143 -12.77 -8.26 -0.17
CA ILE A 143 -11.31 -8.34 -0.18
C ILE A 143 -10.75 -8.37 1.23
N VAL A 144 -11.25 -7.48 2.11
CA VAL A 144 -10.69 -7.34 3.44
C VAL A 144 -11.32 -8.31 4.44
N TYR A 145 -12.65 -8.42 4.45
CA TYR A 145 -13.35 -9.20 5.46
C TYR A 145 -13.73 -10.60 4.99
N GLY A 146 -13.49 -10.93 3.72
CA GLY A 146 -13.78 -12.27 3.25
C GLY A 146 -15.25 -12.46 2.91
N ASN A 147 -15.67 -13.73 2.90
CA ASN A 147 -17.02 -14.08 2.49
C ASN A 147 -18.05 -13.51 3.46
N TYR A 148 -19.21 -13.17 2.91
CA TYR A 148 -20.31 -12.64 3.71
C TYR A 148 -20.94 -13.74 4.54
N GLU A 149 -21.15 -13.47 5.82
CA GLU A 149 -21.87 -14.38 6.72
C GLU A 149 -22.97 -13.57 7.41
N SER A 150 -24.22 -14.03 7.26
CA SER A 150 -25.34 -13.33 7.87
C SER A 150 -25.18 -13.24 9.39
N LYS A 151 -24.58 -14.27 9.99
CA LYS A 151 -24.35 -14.25 11.44
C LYS A 151 -23.42 -13.11 11.83
N LYS A 152 -22.46 -12.77 10.98
CA LYS A 152 -21.42 -11.80 11.31
C LYS A 152 -21.71 -10.41 10.78
N HIS A 153 -22.43 -10.26 9.66
CA HIS A 153 -22.48 -9.00 8.95
C HIS A 153 -23.88 -8.43 8.76
N LYS A 154 -24.94 -9.19 9.02
CA LYS A 154 -26.28 -8.72 8.66
C LYS A 154 -26.67 -7.49 9.47
N GLN A 155 -26.41 -7.49 10.77
CA GLN A 155 -26.81 -6.39 11.64
C GLN A 155 -25.61 -5.82 12.37
N GLY A 156 -25.64 -4.49 12.56
CA GLY A 156 -24.66 -3.74 13.32
C GLY A 156 -23.21 -4.16 13.15
N PHE A 157 -22.83 -4.52 11.93
CA PHE A 157 -21.44 -4.74 11.57
C PHE A 157 -20.84 -3.54 10.86
N LEU A 158 -21.66 -2.78 10.13
CA LEU A 158 -21.21 -1.60 9.39
C LEU A 158 -21.43 -0.34 10.23
N ASN A 159 -20.69 -0.26 11.34
CA ASN A 159 -20.65 0.97 12.11
C ASN A 159 -19.67 1.93 11.44
N GLU A 160 -19.51 3.11 12.05
CA GLU A 160 -18.60 4.11 11.48
C GLU A 160 -17.16 3.59 11.47
N GLU A 161 -16.78 2.79 12.46
CA GLU A 161 -15.43 2.25 12.50
C GLU A 161 -15.17 1.34 11.30
N ASN A 162 -16.15 0.51 10.94
CA ASN A 162 -16.00 -0.36 9.78
C ASN A 162 -16.35 0.36 8.48
N LEU A 163 -17.26 1.32 8.53
CA LEU A 163 -17.61 2.07 7.33
C LEU A 163 -16.44 2.92 6.84
N LYS A 164 -15.58 3.38 7.76
CA LYS A 164 -14.50 4.29 7.38
C LYS A 164 -13.52 3.63 6.42
N SER A 165 -13.39 2.30 6.48
CA SER A 165 -12.42 1.60 5.65
C SER A 165 -12.96 1.21 4.28
N ILE A 166 -14.22 1.54 3.97
CA ILE A 166 -14.81 1.10 2.70
C ILE A 166 -15.48 2.23 1.94
N VAL A 167 -15.65 3.39 2.57
CA VAL A 167 -16.28 4.53 1.89
C VAL A 167 -15.38 5.75 2.02
N PRO A 168 -15.52 6.71 1.11
CA PRO A 168 -14.72 7.94 1.20
C PRO A 168 -15.02 8.70 2.48
N VAL A 169 -13.98 9.31 3.06
CA VAL A 169 -14.13 10.03 4.31
C VAL A 169 -15.06 11.22 4.15
N THR A 170 -15.19 11.74 2.93
CA THR A 170 -16.08 12.88 2.70
C THR A 170 -17.56 12.46 2.72
N LYS A 171 -17.84 11.17 2.56
CA LYS A 171 -19.20 10.66 2.59
C LYS A 171 -19.53 9.93 3.88
N LEU A 172 -18.56 9.75 4.77
CA LEU A 172 -18.75 8.90 5.95
C LEU A 172 -19.84 9.44 6.87
N LYS A 173 -20.04 10.75 6.89
CA LYS A 173 -20.92 11.37 7.89
C LYS A 173 -22.38 11.36 7.46
N SER A 174 -22.71 12.11 6.41
CA SER A 174 -24.11 12.41 6.08
C SER A 174 -24.58 11.71 4.81
N LYS A 175 -23.88 10.67 4.36
CA LYS A 175 -24.35 9.90 3.21
C LYS A 175 -24.16 8.41 3.42
N ALA A 176 -22.98 8.02 3.93
CA ALA A 176 -22.67 6.61 4.09
C ALA A 176 -23.63 5.86 5.01
N PRO A 177 -24.07 6.39 6.16
CA PRO A 177 -24.97 5.59 7.02
C PRO A 177 -26.26 5.16 6.36
N HIS A 178 -26.68 5.83 5.28
CA HIS A 178 -27.87 5.42 4.53
C HIS A 178 -27.56 4.37 3.47
N TRP A 179 -26.30 3.97 3.33
CA TRP A 179 -25.88 3.05 2.28
C TRP A 179 -25.73 1.61 2.76
N THR A 180 -25.82 1.37 4.08
CA THR A 180 -25.39 0.08 4.64
C THR A 180 -26.16 -1.09 4.05
N ASN A 181 -27.48 -0.95 3.92
CA ASN A 181 -28.29 -2.06 3.40
C ASN A 181 -27.95 -2.37 1.95
N ARG A 182 -27.70 -1.33 1.15
CA ARG A 182 -27.30 -1.56 -0.23
C ARG A 182 -25.89 -2.12 -0.32
N ILE A 183 -25.01 -1.76 0.63
CA ILE A 183 -23.64 -2.28 0.61
C ILE A 183 -23.63 -3.75 0.97
N LEU A 184 -24.37 -4.13 2.03
CA LEU A 184 -24.39 -5.52 2.46
C LEU A 184 -25.08 -6.42 1.43
N HIS A 185 -26.05 -5.89 0.69
CA HIS A 185 -26.72 -6.68 -0.33
C HIS A 185 -25.77 -7.04 -1.46
N GLU A 186 -25.01 -6.05 -1.94
CA GLU A 186 -24.01 -6.33 -2.97
C GLU A 186 -22.86 -7.17 -2.43
N TYR A 187 -22.50 -6.97 -1.15
CA TYR A 187 -21.52 -7.83 -0.51
C TYR A 187 -21.98 -9.28 -0.49
N LYS A 188 -23.24 -9.50 -0.09
CA LYS A 188 -23.78 -10.86 -0.06
C LYS A 188 -23.85 -11.46 -1.46
N ASN A 189 -24.24 -10.66 -2.46
CA ASN A 189 -24.29 -11.15 -3.82
C ASN A 189 -22.91 -11.58 -4.31
N LEU A 190 -21.88 -10.83 -3.93
CA LEU A 190 -20.52 -11.18 -4.33
C LEU A 190 -20.11 -12.53 -3.79
N SER A 191 -20.42 -12.81 -2.52
CA SER A 191 -19.94 -14.03 -1.89
C SER A 191 -20.72 -15.25 -2.37
N THR A 192 -22.04 -15.12 -2.51
CA THR A 192 -22.89 -16.24 -2.89
C THR A 192 -22.88 -16.50 -4.40
N SER A 193 -22.18 -15.69 -5.19
CA SER A 193 -22.11 -15.88 -6.64
C SER A 193 -20.80 -16.58 -6.97
N GLU A 194 -20.89 -17.87 -7.29
CA GLU A 194 -19.70 -18.61 -7.74
C GLU A 194 -19.27 -18.22 -9.14
N GLY A 195 -20.06 -17.39 -9.83
CA GLY A 195 -19.70 -16.84 -11.12
C GLY A 195 -18.67 -15.73 -11.09
N VAL A 196 -18.30 -15.26 -9.90
CA VAL A 196 -17.24 -14.29 -9.74
C VAL A 196 -16.11 -14.93 -8.93
N SER A 197 -14.88 -14.71 -9.37
CA SER A 197 -13.73 -15.38 -8.78
C SER A 197 -13.36 -14.72 -7.45
N LYS A 198 -13.19 -15.54 -6.41
CA LYS A 198 -12.75 -15.06 -5.11
C LYS A 198 -11.24 -15.00 -4.99
N GLU A 199 -10.51 -15.27 -6.07
CA GLU A 199 -9.07 -15.07 -6.07
C GLU A 199 -8.75 -13.61 -5.75
N MET A 200 -7.76 -13.41 -4.88
CA MET A 200 -7.45 -12.07 -4.39
C MET A 200 -7.18 -11.10 -5.54
N HIS A 201 -6.24 -11.45 -6.41
CA HIS A 201 -5.92 -10.54 -7.51
C HIS A 201 -7.06 -10.38 -8.50
N HIS A 202 -8.01 -11.34 -8.54
CA HIS A 202 -9.18 -11.18 -9.39
C HIS A 202 -10.16 -10.18 -8.78
N LEU A 203 -10.36 -10.25 -7.46
CA LEU A 203 -11.21 -9.27 -6.79
C LEU A 203 -10.61 -7.88 -6.85
N GLN A 204 -9.29 -7.77 -6.68
CA GLN A 204 -8.64 -6.47 -6.74
C GLN A 204 -8.75 -5.86 -8.13
N ARG A 205 -8.70 -6.68 -9.17
CA ARG A 205 -8.86 -6.16 -10.53
C ARG A 205 -10.29 -5.71 -10.78
N MET A 206 -11.28 -6.35 -10.15
CA MET A 206 -12.65 -5.88 -10.23
C MET A 206 -12.79 -4.49 -9.63
N PHE A 207 -12.15 -4.27 -8.47
CA PHE A 207 -12.15 -2.96 -7.85
C PHE A 207 -11.56 -1.90 -8.79
N LEU A 208 -10.43 -2.23 -9.43
CA LEU A 208 -9.81 -1.29 -10.35
C LEU A 208 -10.69 -1.05 -11.57
N GLN A 209 -11.39 -2.08 -12.05
CA GLN A 209 -12.27 -1.93 -13.21
C GLN A 209 -13.32 -0.84 -12.96
N ASN A 210 -13.86 -0.80 -11.74
CA ASN A 210 -14.81 0.26 -11.40
C ASN A 210 -14.12 1.60 -11.25
N CYS A 211 -12.84 1.60 -10.85
CA CYS A 211 -12.12 2.86 -10.67
C CYS A 211 -11.67 3.46 -12.00
N TRP A 212 -11.51 2.64 -13.03
CA TRP A 212 -11.00 3.12 -14.31
C TRP A 212 -11.93 4.10 -14.99
N GLU A 213 -13.21 4.12 -14.64
CA GLU A 213 -14.16 5.04 -15.25
C GLU A 213 -14.36 6.31 -14.44
N ILE A 214 -13.80 6.39 -13.24
CA ILE A 214 -13.85 7.63 -12.46
C ILE A 214 -12.98 8.68 -13.14
N PRO A 215 -13.45 9.90 -13.32
CA PRO A 215 -12.67 10.88 -14.12
C PRO A 215 -11.30 11.18 -13.55
N THR A 216 -11.15 11.19 -12.23
CA THR A 216 -9.88 11.56 -11.60
C THR A 216 -8.95 10.38 -11.38
N TYR A 217 -9.21 9.22 -11.99
CA TYR A 217 -8.38 8.05 -11.71
C TYR A 217 -6.95 8.26 -12.16
N GLY A 218 -6.01 7.90 -11.29
CA GLY A 218 -4.60 8.00 -11.63
C GLY A 218 -4.07 9.42 -11.75
N ALA A 219 -4.78 10.39 -11.19
CA ALA A 219 -4.42 11.78 -11.37
C ALA A 219 -3.33 12.19 -10.39
N ALA A 220 -2.38 12.99 -10.90
CA ALA A 220 -1.50 13.75 -10.04
C ALA A 220 -2.25 15.01 -9.60
N PHE A 221 -2.21 15.30 -8.30
CA PHE A 221 -2.98 16.40 -7.73
C PHE A 221 -2.04 17.52 -7.32
N PHE A 222 -2.26 18.70 -7.87
CA PHE A 222 -1.54 19.91 -7.50
C PHE A 222 -2.45 20.81 -6.66
N THR A 223 -1.87 21.85 -6.10
CA THR A 223 -2.60 22.79 -5.25
C THR A 223 -2.59 24.17 -5.91
N GLY A 224 -3.74 24.85 -5.83
CA GLY A 224 -3.86 26.18 -6.39
C GLY A 224 -5.08 26.89 -5.84
N GLN A 225 -5.36 28.05 -6.42
CA GLN A 225 -6.50 28.87 -6.01
C GLN A 225 -7.18 29.46 -7.24
N ILE A 226 -8.49 29.66 -7.12
CA ILE A 226 -9.29 30.37 -8.12
C ILE A 226 -10.08 31.46 -7.39
N PHE A 227 -10.53 32.44 -8.18
CA PHE A 227 -11.27 33.58 -7.65
C PHE A 227 -12.66 33.63 -8.27
N THR A 228 -13.67 33.87 -7.43
CA THR A 228 -15.06 33.78 -7.83
C THR A 228 -15.56 35.13 -8.36
N LYS A 229 -16.31 35.07 -9.47
CA LYS A 229 -16.92 36.27 -10.02
C LYS A 229 -17.99 36.82 -9.09
N ASN A 234 -16.48 41.42 -5.35
CA ASN A 234 -17.31 40.24 -5.55
C ASN A 234 -16.45 39.01 -5.77
N HIS A 235 -15.21 39.06 -5.31
CA HIS A 235 -14.23 38.00 -5.53
C HIS A 235 -13.94 37.28 -4.22
N LYS A 236 -14.12 35.96 -4.22
CA LYS A 236 -13.80 35.11 -3.10
C LYS A 236 -12.78 34.07 -3.52
N VAL A 237 -11.88 33.73 -2.60
CA VAL A 237 -10.82 32.76 -2.88
C VAL A 237 -11.36 31.35 -2.62
N ILE A 238 -11.10 30.45 -3.57
CA ILE A 238 -11.51 29.06 -3.45
C ILE A 238 -10.29 28.17 -3.63
N PRO A 239 -9.74 27.59 -2.57
CA PRO A 239 -8.66 26.62 -2.73
C PRO A 239 -9.15 25.40 -3.49
N VAL A 240 -8.32 24.89 -4.39
CA VAL A 240 -8.71 23.79 -5.26
C VAL A 240 -7.57 22.79 -5.38
N TYR A 241 -7.93 21.54 -5.62
CA TYR A 241 -7.00 20.53 -6.10
C TYR A 241 -7.06 20.49 -7.62
N VAL A 242 -5.91 20.54 -8.26
CA VAL A 242 -5.81 20.47 -9.71
C VAL A 242 -5.34 19.07 -10.08
N GLY A 243 -6.27 18.25 -10.57
CA GLY A 243 -5.97 16.89 -10.95
C GLY A 243 -5.72 16.75 -12.42
N VAL A 244 -4.52 16.25 -12.76
CA VAL A 244 -4.13 16.00 -14.15
C VAL A 244 -3.85 14.52 -14.29
N ASN A 245 -4.58 13.86 -15.19
CA ASN A 245 -4.35 12.45 -15.47
C ASN A 245 -4.38 12.24 -16.98
N ILE A 246 -4.39 10.97 -17.39
CA ILE A 246 -4.38 10.64 -18.81
C ILE A 246 -5.69 10.93 -19.51
N LYS A 247 -6.76 11.24 -18.76
CA LYS A 247 -8.04 11.61 -19.34
C LYS A 247 -8.14 13.11 -19.60
N GLY A 248 -7.63 13.93 -18.69
CA GLY A 248 -7.69 15.36 -18.83
C GLY A 248 -7.42 16.11 -17.55
N LEU A 249 -8.17 17.19 -17.32
CA LEU A 249 -7.98 18.07 -16.17
C LEU A 249 -9.25 18.12 -15.34
N HIS A 250 -9.10 18.12 -14.02
CA HIS A 250 -10.22 18.13 -13.10
C HIS A 250 -9.91 19.05 -11.92
N LEU A 251 -10.93 19.78 -11.47
CA LEU A 251 -10.82 20.68 -10.32
C LEU A 251 -11.69 20.17 -9.18
N LEU A 252 -11.10 20.03 -8.00
CA LEU A 252 -11.82 19.66 -6.79
C LEU A 252 -11.74 20.80 -5.79
N ASN A 253 -12.84 21.09 -5.12
CA ASN A 253 -12.79 21.97 -3.97
C ASN A 253 -11.89 21.34 -2.91
N MET A 254 -10.94 22.13 -2.39
CA MET A 254 -9.99 21.57 -1.42
C MET A 254 -10.68 21.13 -0.14
N GLU A 255 -11.65 21.91 0.34
CA GLU A 255 -12.28 21.60 1.62
C GLU A 255 -13.18 20.38 1.52
N THR A 256 -13.94 20.26 0.42
CA THR A 256 -14.98 19.24 0.32
C THR A 256 -14.67 18.13 -0.68
N LYS A 257 -13.62 18.27 -1.49
CA LYS A 257 -13.28 17.35 -2.56
C LYS A 257 -14.36 17.25 -3.64
N ALA A 258 -15.34 18.16 -3.62
CA ALA A 258 -16.38 18.14 -4.65
C ALA A 258 -15.79 18.49 -6.01
N LEU A 259 -16.26 17.78 -7.04
CA LEU A 259 -15.75 17.96 -8.39
C LEU A 259 -16.31 19.24 -8.99
N LEU A 260 -15.48 20.26 -9.13
CA LEU A 260 -15.93 21.52 -9.70
C LEU A 260 -16.11 21.42 -11.21
N ILE A 261 -15.09 20.90 -11.92
CA ILE A 261 -15.19 20.73 -13.36
C ILE A 261 -14.25 19.61 -13.76
N SER A 262 -14.62 18.89 -14.82
CA SER A 262 -13.82 17.78 -15.35
C SER A 262 -13.79 17.91 -16.86
N LEU A 263 -12.59 18.05 -17.42
CA LEU A 263 -12.42 18.33 -18.84
C LEU A 263 -11.54 17.26 -19.47
N LYS A 264 -11.98 16.71 -20.59
CA LYS A 264 -11.24 15.71 -21.33
C LYS A 264 -10.33 16.36 -22.36
N TYR A 265 -9.21 15.71 -22.65
CA TYR A 265 -8.29 16.21 -23.66
C TYR A 265 -8.98 16.33 -25.00
N GLY A 266 -8.84 17.49 -25.64
CA GLY A 266 -9.53 17.79 -26.87
C GLY A 266 -10.77 18.66 -26.71
N CYS A 267 -11.21 18.89 -25.47
CA CYS A 267 -12.36 19.74 -25.20
C CYS A 267 -11.99 21.00 -24.41
N PHE A 268 -10.70 21.23 -24.18
CA PHE A 268 -10.27 22.41 -23.45
C PHE A 268 -8.86 22.78 -23.89
N MET A 269 -8.44 23.98 -23.49
CA MET A 269 -7.12 24.49 -23.83
C MET A 269 -6.50 25.15 -22.61
N TRP A 270 -5.18 25.24 -22.64
CA TRP A 270 -4.42 25.78 -21.52
C TRP A 270 -3.41 26.80 -22.02
N GLN A 271 -2.97 27.66 -21.11
CA GLN A 271 -1.96 28.66 -21.41
C GLN A 271 -1.25 29.04 -20.12
N LEU A 272 0.08 28.96 -20.14
CA LEU A 272 0.85 29.31 -18.96
C LEU A 272 0.89 30.81 -18.78
N GLY A 273 0.71 31.26 -17.54
CA GLY A 273 0.78 32.69 -17.26
C GLY A 273 2.17 33.24 -17.48
N ASP A 274 2.22 34.56 -17.70
CA ASP A 274 3.48 35.22 -17.99
C ASP A 274 4.45 35.14 -16.81
N THR A 275 3.93 35.08 -15.58
CA THR A 275 4.75 35.08 -14.38
C THR A 275 4.98 33.67 -13.84
N ASP A 276 4.53 32.64 -14.56
CA ASP A 276 4.68 31.23 -14.19
C ASP A 276 3.72 30.90 -13.04
N THR A 277 3.27 31.90 -12.31
CA THR A 277 2.47 31.70 -11.10
C THR A 277 1.01 31.37 -11.38
N CYS A 278 0.61 31.17 -12.63
CA CYS A 278 -0.78 30.85 -12.92
C CYS A 278 -0.90 30.24 -14.31
N PHE A 279 -2.05 29.61 -14.57
CA PHE A 279 -2.39 29.13 -15.89
C PHE A 279 -3.88 29.32 -16.13
N GLN A 280 -4.25 29.52 -17.39
CA GLN A 280 -5.62 29.76 -17.79
C GLN A 280 -6.16 28.55 -18.56
N ILE A 281 -7.44 28.24 -18.37
CA ILE A 281 -8.10 27.13 -19.04
C ILE A 281 -9.27 27.69 -19.83
N HIS A 282 -9.34 27.33 -21.11
CA HIS A 282 -10.44 27.67 -21.99
C HIS A 282 -11.15 26.40 -22.40
N SER A 283 -12.42 26.27 -22.03
CA SER A 283 -13.21 25.11 -22.41
C SER A 283 -13.94 25.36 -23.72
N MET A 284 -14.20 24.28 -24.45
CA MET A 284 -14.93 24.36 -25.71
C MET A 284 -16.41 24.12 -25.46
N GLU A 285 -17.25 24.81 -26.24
CA GLU A 285 -18.71 24.74 -26.14
C GLU A 285 -19.22 25.24 -24.79
N ASN A 286 -18.54 24.89 -23.70
CA ASN A 286 -18.85 25.52 -22.42
C ASN A 286 -18.65 27.03 -22.49
N LYS A 287 -17.80 27.51 -23.40
CA LYS A 287 -17.62 28.93 -23.67
C LYS A 287 -17.26 29.72 -22.41
N MET A 288 -16.64 29.05 -21.44
CA MET A 288 -16.25 29.67 -20.19
C MET A 288 -14.74 29.55 -20.03
N SER A 289 -14.19 30.37 -19.14
CA SER A 289 -12.75 30.43 -18.92
C SER A 289 -12.49 30.67 -17.45
N PHE A 290 -11.48 30.00 -16.90
CA PHE A 290 -11.06 30.23 -15.54
C PHE A 290 -9.54 30.19 -15.48
N ILE A 291 -8.99 30.82 -14.44
CA ILE A 291 -7.55 30.89 -14.22
C ILE A 291 -7.25 30.34 -12.84
N VAL A 292 -6.26 29.46 -12.76
CA VAL A 292 -5.82 28.86 -11.50
C VAL A 292 -4.49 29.48 -11.13
N HIS A 293 -4.42 30.06 -9.94
CA HIS A 293 -3.19 30.62 -9.41
C HIS A 293 -2.48 29.55 -8.59
N THR A 294 -1.24 29.24 -8.97
CA THR A 294 -0.45 28.24 -8.28
C THR A 294 1.00 28.36 -8.72
N LYS A 295 1.92 28.21 -7.77
CA LYS A 295 3.33 28.18 -8.13
C LYS A 295 3.73 26.88 -8.81
N GLN A 296 2.81 25.91 -8.92
CA GLN A 296 3.03 24.70 -9.68
C GLN A 296 2.48 24.78 -11.09
N ALA A 297 2.09 25.97 -11.54
CA ALA A 297 1.50 26.11 -12.87
C ALA A 297 2.47 25.65 -13.96
N GLY A 298 3.76 25.88 -13.75
CA GLY A 298 4.75 25.40 -14.70
C GLY A 298 4.74 23.89 -14.85
N LEU A 299 4.51 23.17 -13.75
CA LEU A 299 4.43 21.71 -13.81
C LEU A 299 3.10 21.23 -14.37
N VAL A 300 2.01 21.91 -14.00
CA VAL A 300 0.68 21.50 -14.46
C VAL A 300 0.60 21.54 -15.98
N VAL A 301 1.06 22.65 -16.57
CA VAL A 301 0.96 22.81 -18.03
C VAL A 301 1.86 21.80 -18.74
N LYS A 302 3.08 21.60 -18.23
CA LYS A 302 3.99 20.64 -18.85
C LYS A 302 3.40 19.24 -18.82
N LEU A 303 2.85 18.82 -17.68
CA LEU A 303 2.21 17.52 -17.59
C LEU A 303 1.01 17.43 -18.53
N LEU A 304 0.21 18.50 -18.59
CA LEU A 304 -0.92 18.52 -19.52
C LEU A 304 -0.44 18.32 -20.96
N MET A 305 0.67 18.95 -21.33
CA MET A 305 1.15 18.85 -22.70
C MET A 305 1.60 17.43 -23.04
N LYS A 306 2.29 16.77 -22.10
CA LYS A 306 2.75 15.41 -22.34
C LYS A 306 1.58 14.44 -22.42
N LEU A 307 0.68 14.50 -21.44
CA LEU A 307 -0.45 13.57 -21.41
C LEU A 307 -1.41 13.79 -22.56
N ASN A 308 -1.57 15.04 -23.00
CA ASN A 308 -2.34 15.28 -24.22
C ASN A 308 -1.62 14.72 -25.44
N GLY A 309 -0.31 14.93 -25.53
CA GLY A 309 0.46 14.43 -26.66
C GLY A 309 0.52 12.92 -26.72
N GLN A 310 0.29 12.25 -25.59
CA GLN A 310 0.29 10.79 -25.55
C GLN A 310 -0.91 10.20 -26.29
N LEU A 311 -2.04 10.88 -26.25
CA LEU A 311 -3.27 10.34 -26.84
C LEU A 311 -3.22 10.43 -28.36
N MET A 312 -3.53 9.34 -29.02
CA MET A 312 -3.56 9.31 -30.48
C MET A 312 -4.99 9.07 -30.99
N MET B 1 -9.59 -0.40 15.97
CA MET B 1 -8.80 -1.53 15.50
C MET B 1 -7.44 -1.59 16.19
N ARG B 2 -7.23 -2.62 17.00
CA ARG B 2 -5.97 -2.77 17.72
C ARG B 2 -4.84 -3.10 16.75
N GLU B 3 -3.69 -2.46 16.95
CA GLU B 3 -2.51 -2.69 16.13
C GLU B 3 -1.60 -3.70 16.81
N TYR B 4 -1.05 -4.62 16.01
CA TYR B 4 -0.18 -5.68 16.49
C TYR B 4 1.15 -5.61 15.76
N LYS B 5 2.23 -5.54 16.53
CA LYS B 5 3.58 -5.44 15.96
C LYS B 5 4.24 -6.82 16.01
N LEU B 6 4.34 -7.46 14.85
CA LEU B 6 4.92 -8.80 14.75
C LEU B 6 6.26 -8.73 14.04
N VAL B 7 7.19 -9.57 14.46
CA VAL B 7 8.55 -9.59 13.92
C VAL B 7 8.89 -11.01 13.50
N VAL B 8 9.32 -11.16 12.25
CA VAL B 8 9.72 -12.46 11.70
C VAL B 8 11.24 -12.52 11.72
N LEU B 9 11.79 -13.43 12.52
CA LEU B 9 13.23 -13.56 12.71
C LEU B 9 13.69 -14.94 12.25
N GLY B 10 15.00 -15.05 12.04
CA GLY B 10 15.58 -16.30 11.59
C GLY B 10 16.75 -16.05 10.67
N SER B 11 17.52 -17.11 10.45
CA SER B 11 18.69 -17.03 9.60
C SER B 11 18.28 -16.85 8.14
N GLY B 12 19.28 -16.67 7.27
CA GLY B 12 19.01 -16.34 5.89
C GLY B 12 18.53 -17.54 5.09
N GLY B 13 17.61 -17.28 4.17
CA GLY B 13 17.14 -18.30 3.25
C GLY B 13 16.04 -19.19 3.78
N VAL B 14 15.64 -19.05 5.04
CA VAL B 14 14.64 -19.95 5.60
C VAL B 14 13.24 -19.70 5.04
N GLY B 15 12.99 -18.52 4.49
CA GLY B 15 11.69 -18.22 3.93
C GLY B 15 10.89 -17.24 4.75
N LYS B 16 11.58 -16.35 5.48
CA LYS B 16 10.88 -15.31 6.23
C LYS B 16 10.07 -14.42 5.31
N SER B 17 10.67 -14.00 4.19
CA SER B 17 9.96 -13.14 3.25
C SER B 17 8.87 -13.90 2.51
N ALA B 18 9.17 -15.13 2.09
CA ALA B 18 8.16 -15.91 1.36
C ALA B 18 6.93 -16.17 2.22
N LEU B 19 7.14 -16.41 3.51
CA LEU B 19 6.00 -16.62 4.41
C LEU B 19 5.19 -15.33 4.58
N THR B 20 5.87 -14.20 4.80
CA THR B 20 5.18 -12.93 4.98
C THR B 20 4.44 -12.52 3.71
N VAL B 21 5.09 -12.67 2.55
CA VAL B 21 4.47 -12.24 1.30
C VAL B 21 3.27 -13.12 0.96
N GLN B 22 3.41 -14.44 1.16
CA GLN B 22 2.28 -15.33 0.96
C GLN B 22 1.11 -14.95 1.87
N PHE B 23 1.40 -14.63 3.13
CA PHE B 23 0.35 -14.24 4.06
C PHE B 23 -0.30 -12.92 3.65
N VAL B 24 0.50 -11.90 3.37
CA VAL B 24 -0.05 -10.57 3.13
C VAL B 24 -0.61 -10.47 1.72
N GLN B 25 0.15 -10.89 0.72
CA GLN B 25 -0.20 -10.64 -0.68
C GLN B 25 -0.69 -11.87 -1.44
N GLY B 26 -0.55 -13.07 -0.88
CA GLY B 26 -1.01 -14.26 -1.57
C GLY B 26 -0.15 -14.68 -2.73
N ILE B 27 1.11 -14.26 -2.76
CA ILE B 27 2.04 -14.60 -3.83
C ILE B 27 3.19 -15.40 -3.24
N PHE B 28 3.71 -16.36 -4.00
CA PHE B 28 4.86 -17.15 -3.61
C PHE B 28 6.11 -16.54 -4.24
N VAL B 29 6.98 -15.96 -3.41
CA VAL B 29 8.22 -15.38 -3.90
C VAL B 29 9.19 -16.50 -4.25
N GLU B 30 9.58 -16.56 -5.52
CA GLU B 30 10.49 -17.60 -5.99
C GLU B 30 11.95 -17.15 -5.94
N LYS B 31 12.24 -15.93 -6.39
CA LYS B 31 13.61 -15.44 -6.41
C LYS B 31 14.11 -15.19 -5.00
N TYR B 32 15.41 -15.40 -4.81
CA TYR B 32 16.07 -15.20 -3.52
C TYR B 32 16.71 -13.81 -3.55
N ASP B 33 16.01 -12.83 -2.98
CA ASP B 33 16.55 -11.49 -2.83
CA ASP B 33 16.54 -11.48 -2.83
C ASP B 33 16.78 -11.22 -1.35
N PRO B 34 18.02 -11.22 -0.87
CA PRO B 34 18.28 -11.02 0.56
C PRO B 34 17.68 -9.71 1.08
N THR B 35 16.91 -9.82 2.16
CA THR B 35 16.16 -8.69 2.70
C THR B 35 17.07 -7.78 3.50
N ILE B 36 16.84 -6.47 3.38
CA ILE B 36 17.47 -5.48 4.24
C ILE B 36 16.55 -5.27 5.44
N GLU B 37 15.33 -4.78 5.17
CA GLU B 37 14.30 -4.62 6.18
C GLU B 37 12.98 -4.21 5.53
N ASP B 38 12.00 -5.12 5.52
CA ASP B 38 10.70 -4.85 4.93
C ASP B 38 9.62 -4.86 6.01
N SER B 39 8.63 -3.99 5.85
CA SER B 39 7.49 -3.93 6.76
C SER B 39 6.20 -4.03 5.96
N TYR B 40 5.25 -4.81 6.48
CA TYR B 40 3.98 -5.04 5.82
C TYR B 40 2.84 -4.71 6.77
N ARG B 41 1.69 -4.36 6.19
CA ARG B 41 0.47 -4.12 6.96
C ARG B 41 -0.64 -4.99 6.40
N LYS B 42 -1.50 -5.49 7.29
CA LYS B 42 -2.58 -6.38 6.85
C LYS B 42 -3.65 -6.43 7.94
N GLN B 43 -4.90 -6.27 7.54
CA GLN B 43 -6.03 -6.41 8.45
C GLN B 43 -6.57 -7.83 8.37
N VAL B 44 -6.76 -8.45 9.54
CA VAL B 44 -7.28 -9.80 9.63
C VAL B 44 -8.38 -9.82 10.70
N GLU B 45 -9.01 -10.98 10.84
CA GLU B 45 -10.02 -11.20 11.87
C GLU B 45 -9.55 -12.37 12.73
N VAL B 46 -9.20 -12.09 13.98
CA VAL B 46 -8.81 -13.11 14.95
C VAL B 46 -9.78 -13.05 16.11
N ASP B 47 -10.53 -14.13 16.31
CA ASP B 47 -11.49 -14.25 17.41
C ASP B 47 -12.50 -13.09 17.38
N ALA B 48 -13.16 -12.95 16.23
CA ALA B 48 -14.21 -11.95 15.99
C ALA B 48 -13.72 -10.52 16.15
N GLN B 49 -12.41 -10.29 16.19
CA GLN B 49 -11.84 -8.97 16.33
C GLN B 49 -11.10 -8.57 15.06
N GLN B 50 -11.31 -7.33 14.62
CA GLN B 50 -10.55 -6.79 13.50
C GLN B 50 -9.21 -6.30 14.02
N CYS B 51 -8.12 -6.88 13.50
CA CYS B 51 -6.77 -6.57 13.95
C CYS B 51 -5.96 -6.01 12.79
N MET B 52 -5.21 -4.94 13.06
CA MET B 52 -4.26 -4.38 12.13
C MET B 52 -2.88 -4.94 12.46
N LEU B 53 -2.34 -5.76 11.57
CA LEU B 53 -1.04 -6.39 11.76
C LEU B 53 0.03 -5.59 11.05
N GLU B 54 1.08 -5.23 11.77
CA GLU B 54 2.29 -4.66 11.19
C GLU B 54 3.38 -5.70 11.31
N ILE B 55 3.75 -6.31 10.19
CA ILE B 55 4.67 -7.44 10.17
C ILE B 55 6.02 -6.94 9.67
N LEU B 56 7.04 -7.08 10.51
CA LEU B 56 8.40 -6.66 10.18
C LEU B 56 9.19 -7.87 9.66
N ASP B 57 9.67 -7.75 8.43
CA ASP B 57 10.44 -8.81 7.77
C ASP B 57 11.92 -8.42 7.83
N THR B 58 12.69 -9.19 8.59
CA THR B 58 14.04 -8.80 8.96
C THR B 58 15.09 -9.52 8.10
N ALA B 59 16.33 -9.06 8.23
CA ALA B 59 17.44 -9.64 7.50
C ALA B 59 17.92 -10.92 8.18
N GLY B 60 18.39 -11.87 7.36
CA GLY B 60 18.91 -13.11 7.89
C GLY B 60 20.15 -12.94 8.73
N THR B 61 20.89 -11.84 8.55
CA THR B 61 22.04 -11.55 9.40
C THR B 61 21.62 -10.60 10.51
N GLN B 62 21.27 -9.36 10.15
CA GLN B 62 20.70 -8.42 11.11
C GLN B 62 19.20 -8.24 10.89
N MET B 67 20.63 -3.78 14.30
CA MET B 67 19.31 -3.22 14.57
C MET B 67 18.38 -4.27 15.17
N ARG B 68 18.96 -5.40 15.57
CA ARG B 68 18.15 -6.51 16.09
C ARG B 68 17.61 -6.19 17.48
N ASP B 69 18.40 -5.49 18.29
CA ASP B 69 17.96 -5.15 19.64
C ASP B 69 16.71 -4.28 19.61
N LEU B 70 16.59 -3.41 18.59
CA LEU B 70 15.43 -2.53 18.51
C LEU B 70 14.19 -3.31 18.11
N TYR B 71 14.35 -4.29 17.21
CA TYR B 71 13.22 -5.12 16.78
C TYR B 71 12.54 -5.80 17.97
N MET B 72 13.35 -6.26 18.93
CA MET B 72 12.80 -7.00 20.05
C MET B 72 12.24 -6.08 21.13
N LYS B 73 12.83 -4.90 21.31
CA LYS B 73 12.25 -3.92 22.23
C LYS B 73 10.86 -3.52 21.77
N ASN B 74 10.67 -3.34 20.47
CA ASN B 74 9.41 -2.82 19.95
C ASN B 74 8.42 -3.91 19.57
N GLY B 75 8.91 -5.07 19.12
CA GLY B 75 7.99 -6.10 18.65
C GLY B 75 7.21 -6.72 19.79
N GLN B 76 5.95 -7.07 19.50
CA GLN B 76 5.06 -7.70 20.47
C GLN B 76 5.05 -9.22 20.34
N GLY B 77 5.05 -9.74 19.12
CA GLY B 77 5.14 -11.17 18.91
C GLY B 77 6.23 -11.49 17.90
N PHE B 78 6.81 -12.67 18.04
CA PHE B 78 8.00 -13.04 17.28
C PHE B 78 7.81 -14.43 16.69
N ALA B 79 7.96 -14.52 15.37
CA ALA B 79 7.97 -15.80 14.67
C ALA B 79 9.42 -16.18 14.38
N LEU B 80 9.86 -17.30 14.95
CA LEU B 80 11.23 -17.78 14.80
C LEU B 80 11.20 -18.89 13.75
N VAL B 81 11.72 -18.61 12.56
CA VAL B 81 11.59 -19.48 11.41
C VAL B 81 12.93 -20.14 11.12
N TYR B 82 12.89 -21.42 10.81
CA TYR B 82 14.02 -22.15 10.25
C TYR B 82 13.53 -22.94 9.05
N SER B 83 14.49 -23.46 8.27
CA SER B 83 14.20 -24.35 7.16
C SER B 83 14.47 -25.78 7.60
N ILE B 84 13.55 -26.69 7.28
CA ILE B 84 13.69 -28.08 7.68
C ILE B 84 14.73 -28.77 6.80
N THR B 85 15.24 -28.04 5.81
CA THR B 85 16.28 -28.55 4.92
C THR B 85 17.67 -28.06 5.28
N ALA B 86 17.81 -27.23 6.32
CA ALA B 86 19.10 -26.67 6.70
C ALA B 86 19.25 -26.76 8.22
N GLN B 87 20.22 -27.56 8.67
CA GLN B 87 20.39 -27.78 10.10
C GLN B 87 20.90 -26.53 10.81
N SER B 88 21.78 -25.77 10.15
CA SER B 88 22.38 -24.60 10.80
C SER B 88 21.31 -23.57 11.16
N THR B 89 20.29 -23.41 10.31
CA THR B 89 19.23 -22.46 10.61
C THR B 89 18.42 -22.88 11.83
N PHE B 90 18.33 -24.19 12.08
CA PHE B 90 17.71 -24.67 13.30
C PHE B 90 18.56 -24.31 14.52
N ASN B 91 19.88 -24.54 14.44
CA ASN B 91 20.77 -24.27 15.56
C ASN B 91 20.79 -22.79 15.94
N ASP B 92 20.59 -21.90 14.96
CA ASP B 92 20.72 -20.47 15.21
C ASP B 92 19.58 -19.92 16.07
N LEU B 93 18.43 -20.60 16.12
CA LEU B 93 17.26 -20.04 16.78
C LEU B 93 17.39 -20.03 18.30
N GLN B 94 18.28 -20.83 18.87
CA GLN B 94 18.44 -20.83 20.32
C GLN B 94 18.93 -19.48 20.82
N ASP B 95 19.88 -18.88 20.11
CA ASP B 95 20.38 -17.56 20.50
C ASP B 95 19.28 -16.51 20.36
N LEU B 96 18.48 -16.59 19.29
CA LEU B 96 17.42 -15.61 19.08
C LEU B 96 16.38 -15.69 20.20
N ARG B 97 15.97 -16.90 20.57
CA ARG B 97 15.03 -17.05 21.68
C ARG B 97 15.59 -16.45 22.97
N GLU B 98 16.86 -16.74 23.27
CA GLU B 98 17.45 -16.25 24.50
C GLU B 98 17.62 -14.74 24.48
N GLN B 99 18.02 -14.18 23.33
CA GLN B 99 18.22 -12.74 23.25
C GLN B 99 16.90 -11.98 23.33
N ILE B 100 15.82 -12.55 22.80
CA ILE B 100 14.50 -11.92 22.93
C ILE B 100 14.11 -11.83 24.39
N LEU B 101 14.19 -12.95 25.12
CA LEU B 101 13.85 -12.95 26.54
C LEU B 101 14.74 -11.98 27.31
N ARG B 102 15.98 -11.81 26.88
CA ARG B 102 16.89 -10.89 27.55
C ARG B 102 16.43 -9.44 27.39
N VAL B 103 16.04 -9.06 26.17
CA VAL B 103 15.61 -7.69 25.92
C VAL B 103 14.27 -7.42 26.59
N LYS B 104 13.38 -8.41 26.60
CA LYS B 104 12.08 -8.25 27.22
C LYS B 104 12.14 -8.37 28.74
N ASP B 105 13.21 -8.95 29.29
CA ASP B 105 13.36 -9.18 30.72
C ASP B 105 12.23 -10.06 31.27
N THR B 106 11.71 -10.96 30.45
CA THR B 106 10.65 -11.87 30.86
C THR B 106 10.62 -13.05 29.91
N ASP B 107 10.08 -14.17 30.40
CA ASP B 107 9.85 -15.34 29.57
C ASP B 107 8.47 -15.35 28.92
N ASP B 108 7.55 -14.50 29.39
CA ASP B 108 6.20 -14.41 28.84
C ASP B 108 6.24 -13.48 27.64
N VAL B 109 6.72 -14.01 26.51
CA VAL B 109 6.83 -13.28 25.27
C VAL B 109 6.06 -14.04 24.20
N PRO B 110 5.09 -13.42 23.51
CA PRO B 110 4.41 -14.11 22.41
C PRO B 110 5.40 -14.54 21.35
N MET B 111 5.43 -15.85 21.08
CA MET B 111 6.49 -16.43 20.27
C MET B 111 5.98 -17.72 19.65
N ILE B 112 6.41 -17.98 18.41
CA ILE B 112 6.06 -19.22 17.72
C ILE B 112 7.30 -19.74 16.99
N LEU B 113 7.52 -21.05 17.08
CA LEU B 113 8.60 -21.71 16.37
C LEU B 113 8.05 -22.28 15.07
N VAL B 114 8.66 -21.90 13.95
CA VAL B 114 8.15 -22.22 12.63
C VAL B 114 9.22 -22.97 11.84
N GLY B 115 8.91 -24.20 11.46
CA GLY B 115 9.76 -24.95 10.56
C GLY B 115 9.25 -24.87 9.14
N ASN B 116 9.91 -24.05 8.32
CA ASN B 116 9.41 -23.74 6.99
C ASN B 116 9.95 -24.74 5.95
N LYS B 117 9.40 -24.64 4.74
CA LYS B 117 9.76 -25.50 3.61
C LYS B 117 9.37 -26.95 3.86
N CYS B 118 8.25 -27.16 4.55
CA CYS B 118 7.77 -28.51 4.80
C CYS B 118 7.23 -29.18 3.54
N ASP B 119 7.14 -28.45 2.42
CA ASP B 119 6.85 -29.07 1.14
C ASP B 119 8.05 -29.84 0.60
N LEU B 120 9.26 -29.51 1.05
CA LEU B 120 10.47 -30.23 0.66
C LEU B 120 10.72 -31.38 1.65
N GLU B 121 9.77 -32.32 1.66
CA GLU B 121 9.85 -33.45 2.58
C GLU B 121 11.04 -34.33 2.27
N ASP B 122 11.45 -34.41 1.01
CA ASP B 122 12.61 -35.22 0.65
C ASP B 122 13.90 -34.58 1.13
N GLU B 123 14.05 -33.28 0.91
CA GLU B 123 15.24 -32.55 1.33
C GLU B 123 15.30 -32.30 2.84
N ARG B 124 14.38 -32.87 3.61
CA ARG B 124 14.31 -32.62 5.04
C ARG B 124 15.59 -33.07 5.73
N VAL B 125 16.11 -32.21 6.61
CA VAL B 125 17.31 -32.52 7.39
C VAL B 125 16.93 -32.48 8.86
N VAL B 126 15.93 -31.68 9.21
CA VAL B 126 15.47 -31.52 10.58
C VAL B 126 14.11 -32.22 10.70
N GLY B 127 14.02 -33.19 11.61
CA GLY B 127 12.78 -33.90 11.79
C GLY B 127 11.72 -33.07 12.50
N LYS B 128 10.47 -33.55 12.41
CA LYS B 128 9.36 -32.86 13.04
C LYS B 128 9.43 -32.98 14.56
N GLU B 129 9.78 -34.17 15.07
CA GLU B 129 9.85 -34.38 16.51
C GLU B 129 10.94 -33.52 17.13
N GLN B 130 12.07 -33.36 16.45
CA GLN B 130 13.13 -32.50 16.96
CA GLN B 130 13.13 -32.50 16.96
C GLN B 130 12.67 -31.04 17.03
N GLY B 131 11.76 -30.64 16.14
CA GLY B 131 11.23 -29.29 16.22
C GLY B 131 10.23 -29.14 17.36
N GLN B 132 9.31 -30.11 17.48
CA GLN B 132 8.41 -30.13 18.63
C GLN B 132 9.21 -30.20 19.93
N ASN B 133 10.27 -31.01 19.97
CA ASN B 133 11.09 -31.11 21.17
C ASN B 133 11.70 -29.77 21.55
N LEU B 134 12.12 -28.98 20.55
CA LEU B 134 12.68 -27.66 20.84
C LEU B 134 11.62 -26.75 21.44
N ALA B 135 10.42 -26.73 20.85
CA ALA B 135 9.34 -25.90 21.38
C ALA B 135 8.95 -26.33 22.80
N ARG B 136 9.16 -27.60 23.13
CA ARG B 136 8.86 -28.05 24.49
C ARG B 136 9.82 -27.43 25.50
N GLN B 137 11.12 -27.44 25.20
CA GLN B 137 12.09 -26.81 26.09
C GLN B 137 11.77 -25.33 26.29
N TRP B 138 11.28 -24.67 25.23
CA TRP B 138 10.95 -23.24 25.28
C TRP B 138 9.66 -22.95 26.03
N ASN B 139 9.44 -23.60 27.18
CA ASN B 139 8.27 -23.35 28.02
C ASN B 139 6.98 -23.62 27.25
N ASN B 140 6.95 -24.77 26.56
N ASN B 140 6.95 -24.76 26.55
CA ASN B 140 5.79 -25.20 25.78
CA ASN B 140 5.79 -25.20 25.77
C ASN B 140 5.39 -24.13 24.75
C ASN B 140 5.39 -24.14 24.74
N CYS B 141 6.37 -23.68 23.98
CA CYS B 141 6.14 -22.64 23.00
C CYS B 141 5.40 -23.20 21.79
N ALA B 142 4.61 -22.35 21.14
CA ALA B 142 3.87 -22.77 19.96
C ALA B 142 4.81 -23.25 18.86
N PHE B 143 4.35 -24.22 18.08
CA PHE B 143 5.18 -24.80 17.03
C PHE B 143 4.31 -25.13 15.82
N LEU B 144 4.83 -24.82 14.63
CA LEU B 144 4.17 -25.14 13.38
C LEU B 144 5.21 -25.51 12.33
N GLU B 145 4.89 -26.51 11.53
CA GLU B 145 5.61 -26.78 10.28
C GLU B 145 4.80 -26.16 9.15
N SER B 146 5.45 -25.32 8.34
CA SER B 146 4.75 -24.52 7.37
C SER B 146 5.43 -24.61 6.01
N SER B 147 4.74 -24.05 5.01
CA SER B 147 5.26 -24.01 3.64
C SER B 147 4.70 -22.77 2.97
N ALA B 148 5.60 -21.83 2.63
CA ALA B 148 5.15 -20.64 1.91
C ALA B 148 4.67 -20.98 0.51
N LYS B 149 5.23 -22.03 -0.09
CA LYS B 149 4.87 -22.38 -1.46
C LYS B 149 3.51 -23.08 -1.52
N SER B 150 3.29 -24.05 -0.64
CA SER B 150 2.04 -24.81 -0.62
C SER B 150 0.94 -24.13 0.19
N LYS B 151 1.20 -22.96 0.75
CA LYS B 151 0.25 -22.25 1.61
C LYS B 151 -0.22 -23.15 2.76
N ILE B 152 0.73 -23.87 3.34
CA ILE B 152 0.46 -24.73 4.48
C ILE B 152 0.95 -24.03 5.74
N ASN B 153 0.04 -23.86 6.71
CA ASN B 153 0.37 -23.29 8.01
C ASN B 153 0.93 -21.88 7.91
N VAL B 154 0.41 -21.11 6.95
CA VAL B 154 0.93 -19.76 6.72
C VAL B 154 0.17 -18.74 7.57
N ASN B 155 -1.16 -18.70 7.44
CA ASN B 155 -1.94 -17.71 8.17
C ASN B 155 -1.89 -17.94 9.68
N GLU B 156 -1.91 -19.21 10.10
CA GLU B 156 -1.98 -19.51 11.52
C GLU B 156 -0.67 -19.22 12.25
N ILE B 157 0.43 -18.96 11.54
CA ILE B 157 1.61 -18.41 12.19
C ILE B 157 1.27 -17.07 12.84
N PHE B 158 0.63 -16.18 12.08
CA PHE B 158 0.35 -14.83 12.54
C PHE B 158 -0.93 -14.75 13.35
N TYR B 159 -1.91 -15.61 13.08
CA TYR B 159 -3.09 -15.66 13.93
C TYR B 159 -2.72 -16.08 15.34
N ASP B 160 -1.80 -17.05 15.47
CA ASP B 160 -1.42 -17.55 16.79
C ASP B 160 -0.67 -16.50 17.60
N LEU B 161 0.13 -15.66 16.94
CA LEU B 161 0.82 -14.60 17.66
C LEU B 161 -0.16 -13.55 18.16
N VAL B 162 -1.19 -13.23 17.37
CA VAL B 162 -2.22 -12.29 17.80
C VAL B 162 -2.91 -12.81 19.06
N ARG B 163 -3.24 -14.10 19.08
CA ARG B 163 -3.91 -14.67 20.25
C ARG B 163 -3.00 -14.65 21.47
N GLN B 164 -1.70 -14.90 21.27
CA GLN B 164 -0.76 -14.85 22.39
C GLN B 164 -0.60 -13.45 22.94
N ILE B 165 -0.73 -12.43 22.07
CA ILE B 165 -0.62 -11.06 22.56
C ILE B 165 -1.88 -10.67 23.33
N ASN B 166 -3.02 -11.23 22.96
CA ASN B 166 -4.29 -10.88 23.60
C ASN B 166 -4.45 -11.52 24.98
N ARG B 167 -3.76 -12.62 25.26
CA ARG B 167 -3.93 -13.31 26.55
C ARG B 167 -3.25 -12.57 27.69
#